data_3F84
#
_entry.id   3F84
#
_cell.length_a   75.151
_cell.length_b   134.217
_cell.length_c   65.040
_cell.angle_alpha   90.00
_cell.angle_beta   90.00
_cell.angle_gamma   90.00
#
_symmetry.space_group_name_H-M   'P 21 21 2'
#
loop_
_entity.id
_entity.type
_entity.pdbx_description
1 polymer 'CFA/I fimbrial subunit B'
2 water water
#
_entity_poly.entity_id   1
_entity_poly.type   'polypeptide(L)'
_entity_poly.pdbx_seq_one_letter_code
;MIDLLQADGNALPSAVKLAYSPASKTFESYRVMTQVHTNDATKKVIVKLADTPQLTDVLNSTVQMPISVSWGGQVLSTTA
KEFEAAALGYSASGVNGVSSSQELVISAAPKTAGTAPTAGNYSGVVSLVMTLGSDNKQVEKNITVTASVDPVIELLQADG
NALPSAVKLAYSPASKTFESYRVMTQVHTNDATKKVIVKLADTPQLTDVLNSTVQMPISVSWGGQVLSTTAKEFEAAALG
YSASGVNGVSSSQELVISAAPKTAGTAPTAGNYSGVVSLVMTLGSDNKQVEKNITVTASVDPVILEHHHHHH
;
_entity_poly.pdbx_strand_id   A,B
#
# COMPACT_ATOMS: atom_id res chain seq x y z
N MET A 1 40.33 36.84 1.43
CA MET A 1 39.07 37.64 1.51
C MET A 1 37.89 36.90 2.21
N ILE A 2 37.40 35.81 1.56
CA ILE A 2 36.39 34.90 2.14
C ILE A 2 36.45 33.49 1.54
N ASP A 3 36.24 32.48 2.39
CA ASP A 3 36.14 31.05 2.02
C ASP A 3 35.37 30.24 3.11
N LEU A 4 34.85 29.09 2.72
CA LEU A 4 34.04 28.25 3.57
C LEU A 4 34.61 26.87 3.48
N LEU A 5 35.06 26.38 4.63
CA LEU A 5 35.69 25.06 4.71
C LEU A 5 34.86 24.19 5.66
N GLN A 6 35.04 22.88 5.58
CA GLN A 6 34.61 21.95 6.65
C GLN A 6 35.18 22.40 7.99
N ALA A 7 34.40 22.20 9.05
CA ALA A 7 34.81 22.49 10.44
C ALA A 7 36.16 21.89 10.85
N ASP A 8 36.54 20.78 10.18
CA ASP A 8 37.92 20.21 10.21
C ASP A 8 38.99 21.25 9.91
N GLY A 9 38.79 22.04 8.85
CA GLY A 9 39.86 22.64 8.08
C GLY A 9 40.02 22.07 6.69
N ASN A 10 39.50 20.85 6.49
CA ASN A 10 39.36 20.22 5.18
C ASN A 10 38.49 21.06 4.21
N ALA A 11 38.85 21.04 2.92
CA ALA A 11 38.02 21.60 1.83
C ALA A 11 36.67 20.91 1.77
N LEU A 12 35.62 21.69 1.47
CA LEU A 12 34.32 21.12 1.11
C LEU A 12 34.44 20.20 -0.12
N PRO A 13 33.69 19.08 -0.14
CA PRO A 13 33.55 18.24 -1.35
C PRO A 13 33.02 19.02 -2.55
N SER A 14 33.56 18.70 -3.72
CA SER A 14 33.03 19.17 -4.98
C SER A 14 31.79 18.40 -5.41
N ALA A 15 31.67 17.15 -4.95
CA ALA A 15 30.52 16.31 -5.29
C ALA A 15 30.00 15.57 -4.10
N VAL A 16 28.70 15.24 -4.18
CA VAL A 16 27.94 14.69 -3.08
C VAL A 16 26.86 13.75 -3.62
N LYS A 17 26.85 12.54 -3.08
CA LYS A 17 25.80 11.57 -3.35
C LYS A 17 24.78 11.50 -2.24
N LEU A 18 23.52 11.61 -2.64
CA LEU A 18 22.40 11.49 -1.70
C LEU A 18 21.85 10.08 -1.78
N ALA A 19 22.19 9.28 -0.76
CA ALA A 19 21.66 7.94 -0.59
C ALA A 19 20.12 7.88 -0.58
N TYR A 20 19.61 7.09 -1.53
CA TYR A 20 18.21 6.70 -1.62
C TYR A 20 17.92 5.35 -0.92
N SER A 21 16.84 5.29 -0.11
CA SER A 21 16.26 4.02 0.35
C SER A 21 14.94 3.74 -0.36
N PRO A 22 14.88 2.66 -1.18
CA PRO A 22 13.61 2.14 -1.72
C PRO A 22 12.50 1.95 -0.68
N ALA A 23 12.86 1.52 0.54
CA ALA A 23 11.93 1.30 1.64
C ALA A 23 11.12 2.56 1.99
N SER A 24 11.83 3.66 2.28
CA SER A 24 11.21 4.90 2.71
C SER A 24 10.94 5.87 1.54
N LYS A 25 11.46 5.52 0.35
CA LYS A 25 11.30 6.32 -0.88
C LYS A 25 11.81 7.81 -0.72
N THR A 26 12.82 7.99 0.15
CA THR A 26 13.45 9.28 0.41
C THR A 26 14.94 9.24 0.11
N PHE A 27 15.50 10.43 -0.09
CA PHE A 27 16.92 10.71 -0.06
C PHE A 27 17.35 11.22 1.29
N GLU A 28 18.43 10.63 1.80
CA GLU A 28 19.15 11.08 2.97
C GLU A 28 19.88 12.38 2.64
N SER A 29 19.73 13.36 3.52
CA SER A 29 20.33 14.65 3.30
C SER A 29 21.83 14.62 3.58
N TYR A 30 22.57 15.40 2.79
CA TYR A 30 23.98 15.64 3.07
C TYR A 30 24.13 16.70 4.15
N ARG A 31 24.93 16.40 5.16
CA ARG A 31 25.05 17.23 6.33
C ARG A 31 26.52 17.40 6.64
N VAL A 32 26.96 18.63 6.63
CA VAL A 32 28.35 18.95 6.97
C VAL A 32 28.45 20.19 7.85
N MET A 33 29.36 20.14 8.82
CA MET A 33 29.68 21.30 9.64
C MET A 33 30.76 22.10 8.96
N THR A 34 30.54 23.42 8.87
CA THR A 34 31.42 24.32 8.12
C THR A 34 31.87 25.47 8.97
N GLN A 35 32.93 26.16 8.53
CA GLN A 35 33.31 27.43 9.14
C GLN A 35 33.67 28.45 8.07
N VAL A 36 33.29 29.71 8.30
CA VAL A 36 33.70 30.82 7.45
C VAL A 36 35.09 31.31 7.84
N HIS A 37 35.99 31.34 6.86
CA HIS A 37 37.32 31.94 7.01
C HIS A 37 37.36 33.31 6.29
N THR A 38 37.86 34.32 6.99
CA THR A 38 37.78 35.73 6.52
C THR A 38 38.98 36.58 7.03
N ASN A 39 39.19 37.74 6.38
CA ASN A 39 40.09 38.80 6.89
C ASN A 39 39.36 39.89 7.66
N ASP A 40 38.04 39.82 7.65
CA ASP A 40 37.19 40.93 7.98
C ASP A 40 35.99 40.43 8.83
N ALA A 41 36.17 40.50 10.14
CA ALA A 41 35.25 39.90 11.11
C ALA A 41 34.43 41.03 11.77
N THR A 42 33.71 41.78 10.91
CA THR A 42 32.94 42.98 11.29
C THR A 42 31.78 43.23 10.33
N LYS A 43 31.95 42.76 9.09
CA LYS A 43 30.92 42.93 8.07
C LYS A 43 29.94 41.76 8.06
N LYS A 44 28.70 42.06 7.72
CA LYS A 44 27.66 41.05 7.53
C LYS A 44 28.06 40.05 6.45
N VAL A 45 27.90 38.75 6.76
CA VAL A 45 28.08 37.68 5.78
C VAL A 45 26.76 37.45 5.02
N ILE A 46 26.81 37.68 3.73
CA ILE A 46 25.65 37.62 2.92
C ILE A 46 25.70 36.33 2.14
N VAL A 47 24.76 35.43 2.48
CA VAL A 47 24.68 34.07 1.95
C VAL A 47 23.47 33.91 0.99
N LYS A 48 23.74 33.49 -0.24
CA LYS A 48 22.70 33.13 -1.18
C LYS A 48 23.06 31.91 -2.04
N LEU A 49 22.12 31.51 -2.92
CA LEU A 49 22.37 30.56 -4.01
C LEU A 49 22.44 31.27 -5.35
N ALA A 50 23.36 30.84 -6.23
CA ALA A 50 23.54 31.50 -7.53
C ALA A 50 22.37 31.22 -8.46
N ASP A 51 21.81 30.00 -8.39
CA ASP A 51 20.49 29.72 -8.95
C ASP A 51 19.69 28.70 -8.13
N THR A 52 18.40 28.51 -8.47
CA THR A 52 17.58 27.48 -7.83
C THR A 52 18.01 26.06 -8.21
N PRO A 53 18.56 25.30 -7.26
CA PRO A 53 19.14 23.99 -7.55
C PRO A 53 18.08 22.91 -7.72
N GLN A 54 18.30 22.07 -8.72
CA GLN A 54 17.35 21.06 -9.13
C GLN A 54 18.16 19.82 -9.44
N LEU A 55 17.71 18.69 -8.91
CA LEU A 55 18.11 17.40 -9.44
C LEU A 55 17.28 17.06 -10.66
N THR A 56 17.97 16.85 -11.77
CA THR A 56 17.34 16.66 -13.06
C THR A 56 17.74 15.26 -13.54
N ASP A 57 16.74 14.49 -14.01
CA ASP A 57 16.95 13.19 -14.66
C ASP A 57 17.94 13.35 -15.78
N VAL A 58 19.04 12.60 -15.66
CA VAL A 58 20.19 12.73 -16.54
C VAL A 58 19.90 12.25 -17.99
N LEU A 59 18.80 11.48 -18.15
CA LEU A 59 18.31 10.99 -19.48
C LEU A 59 17.01 11.69 -19.96
N ASN A 60 16.49 12.62 -19.13
CA ASN A 60 15.17 13.27 -19.36
C ASN A 60 15.05 14.58 -18.59
N SER A 61 14.91 15.68 -19.35
CA SER A 61 14.96 17.04 -18.78
C SER A 61 13.68 17.54 -18.12
N THR A 62 12.54 16.89 -18.40
CA THR A 62 11.24 17.27 -17.79
C THR A 62 11.08 16.79 -16.31
N VAL A 63 11.97 15.90 -15.88
CA VAL A 63 11.83 15.17 -14.64
C VAL A 63 12.80 15.78 -13.65
N GLN A 64 12.25 16.57 -12.74
CA GLN A 64 13.04 17.38 -11.83
C GLN A 64 12.62 17.16 -10.35
N MET A 65 13.57 17.38 -9.44
CA MET A 65 13.30 17.41 -8.00
C MET A 65 14.01 18.61 -7.39
N PRO A 66 13.29 19.46 -6.64
CA PRO A 66 13.93 20.65 -6.01
C PRO A 66 14.96 20.22 -4.97
N ILE A 67 16.17 20.76 -5.07
CA ILE A 67 17.15 20.67 -3.98
C ILE A 67 16.87 21.75 -2.93
N SER A 68 16.82 21.35 -1.66
CA SER A 68 16.82 22.32 -0.59
C SER A 68 18.20 22.49 0.06
N VAL A 69 18.51 23.74 0.44
CA VAL A 69 19.79 24.06 1.04
C VAL A 69 19.56 24.92 2.23
N SER A 70 20.12 24.48 3.37
CA SER A 70 20.24 25.34 4.52
C SER A 70 21.64 25.53 5.04
N TRP A 71 21.88 26.74 5.53
CA TRP A 71 23.15 27.04 6.17
C TRP A 71 22.91 27.88 7.39
N GLY A 72 23.52 27.48 8.52
CA GLY A 72 23.40 28.20 9.77
C GLY A 72 22.00 28.22 10.35
N GLY A 73 21.19 27.16 10.06
CA GLY A 73 19.78 27.12 10.42
C GLY A 73 18.81 27.85 9.45
N GLN A 74 19.33 28.37 8.33
CA GLN A 74 18.59 29.22 7.41
C GLN A 74 18.49 28.56 6.04
N VAL A 75 17.26 28.30 5.63
CA VAL A 75 16.91 28.01 4.20
C VAL A 75 17.46 29.07 3.23
N LEU A 76 18.27 28.62 2.29
CA LEU A 76 18.89 29.50 1.30
C LEU A 76 18.10 29.47 0.00
N SER A 77 18.07 30.63 -0.65
CA SER A 77 17.50 30.76 -1.97
C SER A 77 18.36 31.76 -2.78
N THR A 78 17.86 32.13 -3.96
CA THR A 78 18.42 33.20 -4.79
C THR A 78 18.40 34.56 -4.13
N THR A 79 17.48 34.77 -3.16
CA THR A 79 17.47 35.97 -2.31
C THR A 79 18.45 35.77 -1.14
N ALA A 80 19.28 36.76 -0.93
CA ALA A 80 20.37 36.69 0.01
C ALA A 80 19.84 36.85 1.43
N LYS A 81 20.41 36.07 2.34
CA LYS A 81 20.25 36.26 3.77
C LYS A 81 21.52 36.80 4.30
N GLU A 82 21.41 37.77 5.20
CA GLU A 82 22.55 38.35 5.88
C GLU A 82 22.68 37.88 7.33
N PHE A 83 23.89 37.44 7.68
CA PHE A 83 24.27 37.05 9.03
C PHE A 83 25.11 38.17 9.61
N GLU A 84 24.68 38.70 10.75
CA GLU A 84 25.51 39.64 11.55
C GLU A 84 26.79 38.96 12.02
N ALA A 85 27.91 39.65 11.77
CA ALA A 85 29.28 39.18 12.15
C ALA A 85 29.38 38.60 13.56
N ALA A 86 28.87 39.37 14.54
CA ALA A 86 28.79 38.94 15.95
C ALA A 86 28.09 37.60 16.19
N ALA A 87 27.05 37.28 15.39
CA ALA A 87 26.35 35.97 15.48
C ALA A 87 27.21 34.78 15.10
N LEU A 88 28.04 34.96 14.07
CA LEU A 88 28.93 33.89 13.60
C LEU A 88 30.10 33.71 14.51
N GLY A 89 30.32 34.73 15.34
CA GLY A 89 31.00 34.58 16.60
C GLY A 89 32.40 34.16 16.37
N TYR A 90 33.13 35.02 15.64
CA TYR A 90 34.48 34.73 15.18
C TYR A 90 35.45 34.53 16.30
N SER A 91 36.41 33.63 16.09
CA SER A 91 37.57 33.52 16.98
C SER A 91 38.74 34.33 16.44
N ALA A 92 39.44 34.96 17.38
CA ALA A 92 40.84 35.37 17.22
C ALA A 92 41.71 34.93 18.44
N SER A 93 41.38 33.76 19.01
CA SER A 93 42.10 33.19 20.18
C SER A 93 43.52 32.64 19.84
N GLY A 94 43.57 31.75 18.84
CA GLY A 94 44.80 31.42 18.09
C GLY A 94 44.53 30.98 16.64
N VAL A 95 43.25 30.80 16.27
CA VAL A 95 42.85 30.68 14.86
C VAL A 95 42.08 31.93 14.34
N ASN A 96 42.83 33.00 14.07
CA ASN A 96 42.25 34.33 13.87
C ASN A 96 41.63 34.56 12.49
N GLY A 97 40.28 34.54 12.49
CA GLY A 97 39.46 34.84 11.32
C GLY A 97 38.56 33.67 10.91
N VAL A 98 38.04 32.93 11.89
CA VAL A 98 37.32 31.67 11.67
C VAL A 98 36.04 31.66 12.53
N SER A 99 34.89 31.47 11.88
CA SER A 99 33.57 31.46 12.53
C SER A 99 33.37 30.18 13.35
N SER A 100 32.42 30.23 14.29
CA SER A 100 31.80 29.03 14.88
C SER A 100 31.33 28.06 13.75
N SER A 101 31.25 26.77 14.06
CA SER A 101 30.72 25.75 13.11
C SER A 101 29.23 25.95 12.82
N GLN A 102 28.88 25.96 11.54
CA GLN A 102 27.47 26.08 11.06
C GLN A 102 27.20 24.95 10.12
N GLU A 103 26.08 24.25 10.31
CA GLU A 103 25.74 23.08 9.49
C GLU A 103 25.29 23.51 8.10
N LEU A 104 25.89 22.92 7.05
CA LEU A 104 25.32 22.87 5.71
C LEU A 104 24.49 21.62 5.45
N VAL A 105 23.23 21.81 5.02
CA VAL A 105 22.31 20.69 4.74
C VAL A 105 21.88 20.78 3.29
N ILE A 106 22.17 19.70 2.56
CA ILE A 106 21.67 19.55 1.21
C ILE A 106 20.71 18.41 1.15
N SER A 107 19.45 18.74 0.92
CA SER A 107 18.39 17.78 0.80
C SER A 107 17.71 17.85 -0.60
N ALA A 108 17.11 16.74 -1.00
CA ALA A 108 16.25 16.67 -2.17
C ALA A 108 15.04 15.82 -1.82
N ALA A 109 13.94 16.03 -2.55
CA ALA A 109 12.70 15.22 -2.47
C ALA A 109 11.85 15.64 -3.72
N PRO A 110 10.79 14.87 -4.09
CA PRO A 110 9.83 15.31 -5.12
C PRO A 110 9.16 16.65 -4.84
N LYS A 111 8.74 17.34 -5.90
CA LYS A 111 8.15 18.69 -5.84
C LYS A 111 6.80 18.70 -5.12
N THR A 112 6.06 17.60 -5.27
CA THR A 112 4.83 17.39 -4.53
C THR A 112 5.15 16.38 -3.43
N ALA A 113 5.24 16.88 -2.20
CA ALA A 113 5.65 16.05 -1.05
C ALA A 113 4.61 14.99 -0.72
N GLY A 114 5.08 13.79 -0.39
CA GLY A 114 4.23 12.61 -0.26
C GLY A 114 4.18 11.71 -1.48
N THR A 115 4.82 12.13 -2.57
CA THR A 115 4.86 11.28 -3.77
C THR A 115 6.25 10.70 -3.95
N ALA A 116 6.32 9.60 -4.68
CA ALA A 116 7.53 8.83 -4.87
C ALA A 116 8.38 9.44 -6.02
N PRO A 117 9.71 9.38 -5.92
CA PRO A 117 10.56 9.82 -7.04
C PRO A 117 10.60 8.81 -8.19
N THR A 118 10.65 9.33 -9.41
CA THR A 118 10.80 8.53 -10.62
C THR A 118 12.17 7.85 -10.69
N ALA A 119 12.17 6.57 -11.04
CA ALA A 119 13.36 5.83 -11.52
C ALA A 119 14.28 6.67 -12.41
N GLY A 120 15.58 6.66 -12.10
CA GLY A 120 16.56 7.43 -12.85
C GLY A 120 17.84 7.82 -12.12
N ASN A 121 18.80 8.26 -12.92
CA ASN A 121 19.98 8.95 -12.42
C ASN A 121 19.81 10.44 -12.53
N TYR A 122 20.08 11.12 -11.43
CA TYR A 122 19.82 12.54 -11.34
C TYR A 122 21.08 13.31 -11.11
N SER A 123 21.16 14.48 -11.72
CA SER A 123 22.32 15.37 -11.51
C SER A 123 21.89 16.81 -11.31
N GLY A 124 22.54 17.50 -10.37
CA GLY A 124 22.53 18.96 -10.35
C GLY A 124 23.68 19.55 -9.56
N VAL A 125 23.56 20.84 -9.23
CA VAL A 125 24.60 21.61 -8.52
C VAL A 125 23.96 22.54 -7.51
N VAL A 126 24.60 22.62 -6.35
CA VAL A 126 24.38 23.69 -5.39
C VAL A 126 25.51 24.74 -5.53
N SER A 127 25.17 25.93 -6.07
CA SER A 127 26.13 27.06 -6.13
C SER A 127 25.93 28.00 -4.96
N LEU A 128 26.74 27.81 -3.94
CA LEU A 128 26.68 28.61 -2.73
C LEU A 128 27.51 29.85 -2.86
N VAL A 129 26.91 31.00 -2.60
CA VAL A 129 27.58 32.28 -2.76
C VAL A 129 27.65 32.99 -1.41
N MET A 130 28.87 33.34 -0.99
CA MET A 130 29.11 34.12 0.22
C MET A 130 29.86 35.39 -0.10
N THR A 131 29.33 36.51 0.41
CA THR A 131 29.95 37.85 0.32
C THR A 131 30.06 38.47 1.70
N LEU A 132 31.00 39.41 1.83
CA LEU A 132 30.97 40.44 2.85
C LEU A 132 30.45 41.73 2.24
N GLY A 133 29.39 42.29 2.86
CA GLY A 133 28.92 43.66 2.56
C GLY A 133 28.69 44.03 1.07
N SER A 134 28.26 43.05 0.25
CA SER A 134 28.33 43.05 -1.25
C SER A 134 29.75 43.24 -1.85
N ASP A 135 29.89 44.11 -2.87
CA ASP A 135 31.04 44.14 -3.81
C ASP A 135 31.33 42.73 -4.42
N ASN A 136 32.58 42.52 -4.87
CA ASN A 136 33.11 41.15 -5.06
C ASN A 136 34.34 40.86 -4.16
N LYS A 137 34.13 41.02 -2.84
CA LYS A 137 34.76 40.20 -1.79
C LYS A 137 33.98 38.89 -1.65
N GLN A 138 34.08 38.02 -2.67
CA GLN A 138 33.07 36.99 -2.97
C GLN A 138 33.71 35.59 -3.13
N VAL A 139 32.99 34.57 -2.69
CA VAL A 139 33.30 33.19 -3.03
C VAL A 139 32.09 32.35 -3.48
N GLU A 140 32.31 31.58 -4.53
CA GLU A 140 31.38 30.54 -4.94
C GLU A 140 31.96 29.14 -4.72
N LYS A 141 31.25 28.36 -3.91
CA LYS A 141 31.44 26.89 -3.79
C LYS A 141 30.34 26.19 -4.55
N ASN A 142 30.73 25.45 -5.58
CA ASN A 142 29.83 24.58 -6.31
C ASN A 142 30.00 23.16 -5.83
N ILE A 143 28.88 22.55 -5.46
CA ILE A 143 28.81 21.14 -5.07
C ILE A 143 27.89 20.43 -6.05
N THR A 144 28.45 19.45 -6.75
CA THR A 144 27.68 18.54 -7.57
C THR A 144 26.87 17.60 -6.69
N VAL A 145 25.59 17.54 -7.00
CA VAL A 145 24.66 16.70 -6.24
C VAL A 145 24.11 15.69 -7.24
N THR A 146 24.35 14.41 -6.97
CA THR A 146 23.75 13.31 -7.74
C THR A 146 22.92 12.40 -6.85
N ALA A 147 21.89 11.78 -7.45
CA ALA A 147 21.16 10.70 -6.81
C ALA A 147 20.83 9.59 -7.80
N SER A 148 20.51 8.40 -7.27
CA SER A 148 20.04 7.25 -8.08
C SER A 148 18.76 6.55 -7.52
N VAL A 149 17.68 6.60 -8.30
CA VAL A 149 16.51 5.75 -8.06
C VAL A 149 16.54 4.54 -9.03
N ASP A 150 16.88 3.37 -8.49
CA ASP A 150 16.84 2.10 -9.26
C ASP A 150 15.41 1.81 -9.75
N PRO A 151 15.21 1.62 -11.09
CA PRO A 151 13.94 1.08 -11.64
C PRO A 151 13.39 -0.12 -10.86
N VAL A 152 12.09 -0.09 -10.56
CA VAL A 152 11.44 -1.18 -9.81
C VAL A 152 10.02 -1.43 -10.25
N ILE A 153 9.70 -2.73 -10.35
CA ILE A 153 8.39 -3.23 -10.79
C ILE A 153 7.94 -4.46 -9.95
N GLU A 154 6.73 -4.35 -9.40
CA GLU A 154 6.12 -5.43 -8.62
C GLU A 154 4.76 -5.71 -9.21
N LEU A 155 4.36 -6.95 -9.13
CA LEU A 155 2.98 -7.31 -9.43
C LEU A 155 2.33 -7.95 -8.24
N LEU A 156 1.29 -7.30 -7.77
CA LEU A 156 0.63 -7.71 -6.56
C LEU A 156 -0.82 -7.91 -6.88
N GLN A 157 -1.49 -8.71 -6.05
CA GLN A 157 -2.95 -8.66 -5.92
C GLN A 157 -3.39 -7.23 -5.64
N ALA A 158 -4.56 -6.87 -6.19
CA ALA A 158 -5.10 -5.54 -6.04
C ALA A 158 -5.32 -5.09 -4.55
N ASP A 159 -5.44 -6.06 -3.63
CA ASP A 159 -5.45 -5.80 -2.17
C ASP A 159 -4.06 -5.61 -1.50
N GLY A 160 -3.00 -5.76 -2.30
CA GLY A 160 -1.62 -5.55 -1.83
C GLY A 160 -0.92 -6.82 -1.39
N ASN A 161 -1.66 -7.93 -1.33
CA ASN A 161 -1.11 -9.24 -1.04
C ASN A 161 -0.36 -9.80 -2.22
N ALA A 162 0.62 -10.67 -1.93
CA ALA A 162 1.40 -11.40 -2.95
C ALA A 162 0.47 -12.28 -3.77
N LEU A 163 0.74 -12.38 -5.07
CA LEU A 163 0.08 -13.39 -5.91
C LEU A 163 0.28 -14.83 -5.37
N PRO A 164 -0.77 -15.69 -5.50
CA PRO A 164 -0.63 -17.12 -5.18
C PRO A 164 0.50 -17.72 -5.97
N SER A 165 1.36 -18.48 -5.31
CA SER A 165 2.25 -19.37 -6.06
C SER A 165 1.56 -20.67 -6.54
N ALA A 166 0.33 -20.96 -6.02
CA ALA A 166 -0.44 -22.18 -6.43
C ALA A 166 -1.94 -21.94 -6.61
N VAL A 167 -2.50 -22.48 -7.70
CA VAL A 167 -3.89 -22.19 -8.16
C VAL A 167 -4.63 -23.49 -8.59
N LYS A 168 -5.88 -23.61 -8.16
CA LYS A 168 -6.67 -24.81 -8.40
C LYS A 168 -7.86 -24.48 -9.24
N LEU A 169 -7.97 -25.14 -10.40
CA LEU A 169 -9.14 -24.95 -11.30
C LEU A 169 -10.18 -26.04 -11.12
N ALA A 170 -11.41 -25.63 -10.80
CA ALA A 170 -12.56 -26.56 -10.70
C ALA A 170 -12.99 -27.10 -12.05
N TYR A 171 -13.37 -28.38 -12.04
CA TYR A 171 -13.84 -29.07 -13.25
C TYR A 171 -15.34 -29.20 -13.22
N SER A 172 -15.99 -28.74 -14.30
CA SER A 172 -17.44 -28.92 -14.44
C SER A 172 -17.71 -30.20 -15.24
N PRO A 173 -18.19 -31.25 -14.56
CA PRO A 173 -18.40 -32.57 -15.21
C PRO A 173 -19.59 -32.60 -16.20
N ALA A 174 -20.54 -31.68 -16.06
CA ALA A 174 -21.59 -31.44 -17.07
C ALA A 174 -21.01 -30.92 -18.40
N SER A 175 -20.45 -29.71 -18.36
CA SER A 175 -19.89 -29.05 -19.55
C SER A 175 -18.56 -29.67 -20.06
N LYS A 176 -17.94 -30.50 -19.21
CA LYS A 176 -16.60 -31.12 -19.47
C LYS A 176 -15.44 -30.10 -19.58
N THR A 177 -15.63 -28.94 -18.94
CA THR A 177 -14.69 -27.82 -19.02
C THR A 177 -14.25 -27.35 -17.61
N PHE A 178 -13.36 -26.38 -17.59
CA PHE A 178 -12.81 -25.84 -16.34
C PHE A 178 -13.34 -24.47 -16.07
N GLU A 179 -13.61 -24.23 -14.80
CA GLU A 179 -13.84 -22.89 -14.29
C GLU A 179 -12.50 -22.14 -14.18
N SER A 180 -12.40 -21.06 -14.96
CA SER A 180 -11.26 -20.09 -14.95
C SER A 180 -10.93 -19.50 -13.59
N TYR A 181 -9.65 -19.50 -13.25
CA TYR A 181 -9.11 -18.65 -12.18
C TYR A 181 -9.03 -17.19 -12.61
N ARG A 182 -9.49 -16.30 -11.73
CA ARG A 182 -9.50 -14.85 -11.95
C ARG A 182 -9.04 -14.16 -10.68
N VAL A 183 -7.90 -13.44 -10.77
CA VAL A 183 -7.39 -12.60 -9.69
C VAL A 183 -7.12 -11.21 -10.17
N MET A 184 -7.52 -10.22 -9.36
CA MET A 184 -7.33 -8.82 -9.66
C MET A 184 -5.94 -8.41 -9.25
N THR A 185 -5.27 -7.66 -10.10
CA THR A 185 -3.83 -7.37 -9.91
C THR A 185 -3.54 -5.92 -10.16
N GLN A 186 -2.43 -5.48 -9.59
CA GLN A 186 -1.90 -4.15 -9.89
C GLN A 186 -0.40 -4.20 -10.04
N VAL A 187 0.13 -3.50 -11.04
CA VAL A 187 1.56 -3.20 -11.10
C VAL A 187 1.97 -1.96 -10.32
N HIS A 188 2.95 -2.17 -9.43
CA HIS A 188 3.56 -1.12 -8.64
C HIS A 188 4.90 -0.77 -9.30
N THR A 189 4.99 0.46 -9.83
CA THR A 189 6.20 0.90 -10.56
C THR A 189 6.75 2.30 -10.27
N ASN A 190 8.07 2.32 -10.06
CA ASN A 190 8.99 3.47 -10.18
C ASN A 190 8.96 4.33 -11.44
N ASP A 191 8.73 3.68 -12.59
CA ASP A 191 8.86 4.33 -13.89
C ASP A 191 7.58 4.27 -14.72
N ALA A 192 6.65 5.13 -14.35
CA ALA A 192 5.25 5.01 -14.72
C ALA A 192 4.92 5.52 -16.15
N THR A 193 5.94 5.98 -16.88
CA THR A 193 5.75 6.43 -18.27
C THR A 193 6.16 5.34 -19.28
N LYS A 194 6.85 4.32 -18.80
CA LYS A 194 7.37 3.25 -19.65
C LYS A 194 6.32 2.19 -19.94
N LYS A 195 6.34 1.68 -21.19
CA LYS A 195 5.63 0.48 -21.62
C LYS A 195 5.80 -0.64 -20.62
N VAL A 196 4.74 -1.41 -20.41
CA VAL A 196 4.86 -2.67 -19.72
C VAL A 196 4.75 -3.80 -20.75
N ILE A 197 5.83 -4.57 -20.86
CA ILE A 197 5.88 -5.73 -21.78
C ILE A 197 5.63 -7.04 -21.00
N VAL A 198 4.56 -7.75 -21.39
CA VAL A 198 4.13 -9.00 -20.71
C VAL A 198 4.15 -10.22 -21.63
N LYS A 199 4.90 -11.23 -21.23
CA LYS A 199 4.92 -12.51 -21.93
C LYS A 199 4.77 -13.69 -20.99
N LEU A 200 4.72 -14.85 -21.60
CA LEU A 200 4.93 -16.09 -20.91
C LEU A 200 6.29 -16.61 -21.27
N ALA A 201 7.06 -16.99 -20.24
CA ALA A 201 8.43 -17.50 -20.40
C ALA A 201 8.46 -18.83 -21.09
N ASP A 202 7.36 -19.60 -20.99
CA ASP A 202 7.14 -20.87 -21.74
C ASP A 202 5.64 -21.10 -21.92
N THR A 203 5.27 -21.93 -22.91
CA THR A 203 3.85 -22.27 -23.14
C THR A 203 3.33 -23.24 -22.05
N PRO A 204 2.38 -22.81 -21.22
CA PRO A 204 1.97 -23.63 -20.09
C PRO A 204 0.99 -24.75 -20.44
N GLN A 205 1.08 -25.84 -19.70
CA GLN A 205 0.37 -27.08 -19.97
C GLN A 205 0.00 -27.68 -18.62
N LEU A 206 -1.22 -28.21 -18.50
CA LEU A 206 -1.54 -29.14 -17.42
C LEU A 206 -1.16 -30.49 -17.87
N THR A 207 -0.35 -31.18 -17.07
CA THR A 207 0.02 -32.55 -17.38
C THR A 207 -0.51 -33.52 -16.35
N ASP A 208 -1.13 -34.60 -16.86
CA ASP A 208 -1.52 -35.76 -16.08
C ASP A 208 -0.29 -36.27 -15.32
N VAL A 209 -0.33 -36.13 -14.00
CA VAL A 209 0.81 -36.47 -13.14
C VAL A 209 1.19 -38.00 -13.21
N LEU A 210 0.27 -38.82 -13.74
CA LEU A 210 0.47 -40.24 -13.97
C LEU A 210 0.68 -40.67 -15.47
N ASN A 211 0.45 -39.74 -16.42
CA ASN A 211 0.57 -40.03 -17.86
C ASN A 211 1.16 -38.84 -18.60
N SER A 212 2.47 -38.91 -18.84
CA SER A 212 3.27 -37.80 -19.39
C SER A 212 2.74 -37.25 -20.73
N THR A 213 2.00 -38.09 -21.47
CA THR A 213 1.45 -37.75 -22.80
C THR A 213 0.07 -37.06 -22.75
N VAL A 214 -0.62 -37.18 -21.61
CA VAL A 214 -1.91 -36.46 -21.43
C VAL A 214 -1.67 -35.06 -20.90
N GLN A 215 -1.59 -34.13 -21.85
CA GLN A 215 -1.51 -32.69 -21.61
C GLN A 215 -2.84 -32.01 -21.88
N MET A 216 -3.12 -30.90 -21.19
CA MET A 216 -4.01 -29.88 -21.75
C MET A 216 -3.54 -28.43 -21.61
N PRO A 217 -3.65 -27.64 -22.70
CA PRO A 217 -3.14 -26.29 -22.72
C PRO A 217 -3.81 -25.42 -21.70
N ILE A 218 -2.99 -24.57 -21.11
CA ILE A 218 -3.46 -23.49 -20.29
C ILE A 218 -3.51 -22.20 -21.07
N SER A 219 -4.54 -21.42 -20.86
CA SER A 219 -4.60 -20.06 -21.40
C SER A 219 -4.52 -19.01 -20.33
N VAL A 220 -3.71 -17.99 -20.60
CA VAL A 220 -3.50 -16.88 -19.67
C VAL A 220 -3.86 -15.59 -20.40
N SER A 221 -4.78 -14.83 -19.81
CA SER A 221 -4.95 -13.44 -20.21
C SER A 221 -4.70 -12.43 -19.06
N TRP A 222 -4.08 -11.32 -19.43
CA TRP A 222 -3.85 -10.25 -18.47
C TRP A 222 -4.25 -8.93 -19.06
N GLY A 223 -4.97 -8.16 -18.26
CA GLY A 223 -5.45 -6.86 -18.68
C GLY A 223 -6.34 -6.88 -19.91
N GLY A 224 -7.03 -8.01 -20.16
CA GLY A 224 -7.85 -8.19 -21.34
C GLY A 224 -7.14 -8.76 -22.57
N GLN A 225 -5.82 -8.97 -22.48
CA GLN A 225 -5.03 -9.51 -23.61
C GLN A 225 -4.61 -10.96 -23.36
N VAL A 226 -4.94 -11.84 -24.32
CA VAL A 226 -4.36 -13.21 -24.36
C VAL A 226 -2.82 -13.14 -24.50
N LEU A 227 -2.15 -13.79 -23.56
CA LEU A 227 -0.70 -13.84 -23.54
C LEU A 227 -0.14 -15.14 -24.15
N SER A 228 1.15 -15.07 -24.49
CA SER A 228 1.87 -16.14 -25.13
C SER A 228 3.36 -15.88 -24.91
N THR A 229 4.20 -16.70 -25.55
CA THR A 229 5.64 -16.49 -25.52
C THR A 229 6.08 -15.26 -26.28
N THR A 230 5.26 -14.84 -27.24
CA THR A 230 5.46 -13.55 -27.91
C THR A 230 4.93 -12.41 -27.06
N ALA A 231 5.83 -11.47 -26.76
CA ALA A 231 5.57 -10.32 -25.91
C ALA A 231 4.47 -9.41 -26.46
N LYS A 232 3.53 -9.01 -25.58
CA LYS A 232 2.59 -7.92 -25.86
C LYS A 232 2.86 -6.72 -24.97
N GLU A 233 2.91 -5.54 -25.62
CA GLU A 233 3.16 -4.26 -24.95
C GLU A 233 1.88 -3.61 -24.44
N PHE A 234 1.96 -3.02 -23.26
CA PHE A 234 0.88 -2.21 -22.73
C PHE A 234 1.41 -0.80 -22.54
N GLU A 235 0.88 0.15 -23.33
CA GLU A 235 1.09 1.59 -23.09
C GLU A 235 0.70 1.97 -21.68
N ALA A 236 1.60 2.69 -20.99
CA ALA A 236 1.36 3.23 -19.63
C ALA A 236 0.01 3.93 -19.49
N ALA A 237 -0.35 4.72 -20.53
CA ALA A 237 -1.63 5.44 -20.62
C ALA A 237 -2.87 4.53 -20.58
N ALA A 238 -2.77 3.36 -21.24
CA ALA A 238 -3.83 2.33 -21.21
C ALA A 238 -3.67 1.33 -20.05
N LEU A 239 -3.22 1.83 -18.90
CA LEU A 239 -3.07 1.04 -17.67
C LEU A 239 -3.55 1.78 -16.42
N GLY A 240 -3.65 3.11 -16.54
CA GLY A 240 -4.42 3.94 -15.62
C GLY A 240 -3.72 4.21 -14.30
N TYR A 241 -2.44 4.59 -14.39
CA TYR A 241 -1.80 5.45 -13.39
C TYR A 241 -2.50 6.81 -13.30
N SER A 242 -2.37 7.45 -12.14
CA SER A 242 -2.73 8.89 -11.97
C SER A 242 -1.64 9.69 -11.23
N ALA A 243 -1.44 10.93 -11.67
CA ALA A 243 -0.50 11.87 -11.03
C ALA A 243 -1.12 12.69 -9.85
N SER A 244 -2.24 12.18 -9.30
CA SER A 244 -3.00 12.84 -8.20
C SER A 244 -3.86 11.83 -7.36
N GLY A 245 -3.69 10.53 -7.63
CA GLY A 245 -4.30 9.47 -6.83
C GLY A 245 -3.27 8.60 -6.14
N VAL A 246 -3.37 7.28 -6.36
CA VAL A 246 -2.46 6.29 -5.76
C VAL A 246 -1.21 6.13 -6.64
N ASN A 247 -0.21 6.98 -6.37
CA ASN A 247 0.85 7.32 -7.30
C ASN A 247 1.79 6.13 -7.50
N GLY A 248 1.99 5.74 -8.78
CA GLY A 248 2.86 4.64 -9.15
C GLY A 248 2.24 3.26 -9.02
N VAL A 249 0.92 3.20 -8.90
CA VAL A 249 0.17 1.94 -8.97
C VAL A 249 -0.87 2.05 -10.09
N SER A 250 -0.86 1.04 -10.99
CA SER A 250 -1.79 0.95 -12.12
C SER A 250 -3.22 0.72 -11.59
N SER A 251 -4.23 0.93 -12.44
CA SER A 251 -5.57 0.38 -12.15
C SER A 251 -5.57 -1.20 -12.09
N SER A 252 -6.62 -1.77 -11.52
CA SER A 252 -6.77 -3.22 -11.45
C SER A 252 -6.76 -3.88 -12.82
N GLN A 253 -5.85 -4.84 -12.99
CA GLN A 253 -5.88 -5.72 -14.16
C GLN A 253 -6.20 -7.17 -13.76
N GLU A 254 -7.23 -7.74 -14.39
CA GLU A 254 -7.63 -9.15 -14.19
C GLU A 254 -6.63 -10.13 -14.82
N LEU A 255 -5.93 -10.90 -13.98
CA LEU A 255 -5.28 -12.14 -14.42
C LEU A 255 -6.24 -13.31 -14.50
N VAL A 256 -6.29 -13.95 -15.69
CA VAL A 256 -7.21 -15.08 -15.98
C VAL A 256 -6.41 -16.28 -16.45
N ILE A 257 -6.51 -17.37 -15.68
CA ILE A 257 -5.89 -18.66 -16.01
C ILE A 257 -6.99 -19.73 -16.20
N SER A 258 -6.92 -20.40 -17.35
CA SER A 258 -7.90 -21.39 -17.73
C SER A 258 -7.23 -22.58 -18.38
N ALA A 259 -8.00 -23.63 -18.58
CA ALA A 259 -7.50 -24.80 -19.26
C ALA A 259 -8.64 -25.42 -20.02
N ALA A 260 -8.29 -26.04 -21.14
CA ALA A 260 -9.23 -26.71 -22.04
C ALA A 260 -8.38 -27.75 -22.78
N PRO A 261 -8.98 -28.82 -23.36
CA PRO A 261 -8.27 -29.63 -24.37
C PRO A 261 -7.86 -28.84 -25.63
N LYS A 262 -6.79 -29.26 -26.33
CA LYS A 262 -6.39 -28.62 -27.62
C LYS A 262 -7.58 -28.44 -28.60
N THR A 263 -8.37 -29.52 -28.73
CA THR A 263 -9.58 -29.58 -29.58
C THR A 263 -10.83 -29.64 -28.68
N ALA A 264 -11.82 -28.79 -28.97
CA ALA A 264 -13.16 -28.85 -28.34
C ALA A 264 -13.82 -30.24 -28.49
N GLY A 265 -14.73 -30.57 -27.56
CA GLY A 265 -15.46 -31.83 -27.60
C GLY A 265 -14.77 -33.04 -27.02
N THR A 266 -13.45 -32.94 -26.79
CA THR A 266 -12.64 -34.01 -26.17
C THR A 266 -13.08 -34.22 -24.70
N ALA A 267 -13.13 -35.49 -24.28
CA ALA A 267 -13.43 -35.84 -22.87
C ALA A 267 -12.12 -35.96 -22.09
N PRO A 268 -11.85 -34.99 -21.19
CA PRO A 268 -10.55 -34.90 -20.50
C PRO A 268 -10.34 -36.12 -19.62
N THR A 269 -9.18 -36.75 -19.79
CA THR A 269 -8.90 -38.00 -19.10
C THR A 269 -8.84 -37.84 -17.55
N ALA A 270 -9.68 -38.63 -16.88
CA ALA A 270 -9.80 -38.63 -15.42
C ALA A 270 -8.44 -38.86 -14.79
N GLY A 271 -8.13 -38.13 -13.71
CA GLY A 271 -6.76 -37.87 -13.31
C GLY A 271 -6.57 -36.53 -12.61
N ASN A 272 -5.46 -36.41 -11.87
CA ASN A 272 -4.93 -35.12 -11.37
C ASN A 272 -3.88 -34.56 -12.29
N TYR A 273 -3.86 -33.23 -12.38
CA TYR A 273 -3.05 -32.51 -13.35
C TYR A 273 -2.28 -31.43 -12.69
N SER A 274 -1.12 -31.11 -13.28
CA SER A 274 -0.30 -30.01 -12.77
C SER A 274 0.41 -29.27 -13.87
N GLY A 275 0.64 -27.96 -13.65
CA GLY A 275 1.57 -27.22 -14.49
C GLY A 275 1.88 -25.84 -13.94
N VAL A 276 2.87 -25.20 -14.53
CA VAL A 276 3.40 -23.93 -14.04
C VAL A 276 3.19 -22.87 -15.12
N VAL A 277 2.45 -21.82 -14.77
CA VAL A 277 2.42 -20.52 -15.52
C VAL A 277 3.58 -19.61 -15.04
N SER A 278 4.53 -19.32 -15.94
CA SER A 278 5.64 -18.38 -15.73
C SER A 278 5.34 -17.05 -16.39
N LEU A 279 4.94 -16.09 -15.57
CA LEU A 279 4.51 -14.78 -16.01
C LEU A 279 5.70 -13.79 -15.90
N VAL A 280 6.06 -13.18 -17.03
CA VAL A 280 7.20 -12.22 -17.12
C VAL A 280 6.67 -10.81 -17.40
N MET A 281 6.98 -9.86 -16.53
CA MET A 281 6.55 -8.50 -16.71
C MET A 281 7.78 -7.58 -16.73
N THR A 282 8.04 -6.96 -17.89
CA THR A 282 9.24 -6.15 -18.10
C THR A 282 8.94 -4.66 -18.25
N LEU A 283 9.74 -3.85 -17.57
CA LEU A 283 9.72 -2.40 -17.71
C LEU A 283 10.43 -2.00 -18.98
N GLY A 284 9.63 -1.65 -20.00
CA GLY A 284 10.09 -1.10 -21.27
C GLY A 284 11.56 -1.31 -21.62
N SER A 285 12.36 -0.30 -21.26
CA SER A 285 13.80 -0.23 -21.60
C SER A 285 14.66 0.12 -20.37
N ASP A 286 14.20 -0.31 -19.19
CA ASP A 286 14.87 -0.02 -17.91
C ASP A 286 15.72 -1.17 -17.35
N ASN A 287 15.76 -2.29 -18.10
CA ASN A 287 16.39 -3.56 -17.66
C ASN A 287 15.82 -4.07 -16.32
N LYS A 288 14.49 -4.03 -16.18
CA LYS A 288 13.81 -4.58 -15.01
C LYS A 288 12.60 -5.42 -15.35
N GLN A 289 12.55 -6.60 -14.75
CA GLN A 289 11.42 -7.51 -14.90
C GLN A 289 11.03 -8.21 -13.64
N VAL A 290 9.75 -8.55 -13.54
CA VAL A 290 9.25 -9.41 -12.49
C VAL A 290 8.71 -10.75 -13.05
N GLU A 291 9.07 -11.85 -12.36
CA GLU A 291 8.74 -13.20 -12.77
C GLU A 291 7.95 -13.95 -11.71
N LYS A 292 6.72 -14.35 -12.08
CA LYS A 292 5.84 -15.12 -11.21
C LYS A 292 5.56 -16.50 -11.79
N ASN A 293 6.08 -17.52 -11.11
CA ASN A 293 5.67 -18.91 -11.28
C ASN A 293 4.45 -19.25 -10.50
N ILE A 294 3.41 -19.64 -11.21
CA ILE A 294 2.15 -20.10 -10.58
C ILE A 294 1.86 -21.56 -10.95
N THR A 295 2.02 -22.45 -9.96
CA THR A 295 1.55 -23.82 -10.07
C THR A 295 0.01 -23.94 -10.24
N VAL A 296 -0.39 -24.58 -11.31
CA VAL A 296 -1.81 -24.74 -11.64
C VAL A 296 -2.11 -26.23 -11.52
N THR A 297 -3.10 -26.56 -10.69
CA THR A 297 -3.59 -27.92 -10.51
C THR A 297 -5.11 -28.05 -10.81
N ALA A 298 -5.55 -29.28 -11.05
CA ALA A 298 -6.94 -29.61 -11.36
C ALA A 298 -7.11 -31.10 -11.24
N SER A 299 -8.32 -31.50 -10.90
CA SER A 299 -8.72 -32.90 -10.98
C SER A 299 -9.92 -33.07 -11.83
N VAL A 300 -9.80 -33.94 -12.80
CA VAL A 300 -10.92 -34.39 -13.62
C VAL A 300 -11.55 -35.62 -12.93
N ASP A 301 -12.73 -35.39 -12.34
CA ASP A 301 -13.65 -36.43 -11.83
C ASP A 301 -14.82 -36.70 -12.81
N PRO A 302 -14.98 -37.96 -13.26
CA PRO A 302 -16.34 -38.54 -13.50
C PRO A 302 -16.97 -39.08 -12.22
N MET B 1 -33.71 -43.46 9.61
CA MET B 1 -33.47 -43.79 8.16
C MET B 1 -32.15 -43.21 7.57
N ILE B 2 -31.93 -41.90 7.73
CA ILE B 2 -30.63 -41.23 7.41
C ILE B 2 -30.51 -39.91 8.19
N ASP B 3 -29.45 -39.80 8.99
CA ASP B 3 -29.02 -38.53 9.61
C ASP B 3 -27.50 -38.39 9.76
N LEU B 4 -27.05 -37.16 10.07
CA LEU B 4 -25.65 -36.78 10.07
C LEU B 4 -25.32 -35.99 11.36
N LEU B 5 -24.45 -36.56 12.17
CA LEU B 5 -24.05 -35.98 13.46
C LEU B 5 -22.55 -35.74 13.46
N GLN B 6 -22.06 -35.03 14.49
CA GLN B 6 -20.61 -34.87 14.71
C GLN B 6 -19.97 -36.23 15.07
N ALA B 7 -18.66 -36.34 14.83
CA ALA B 7 -17.89 -37.59 15.07
C ALA B 7 -17.97 -38.08 16.52
N ASP B 8 -18.05 -37.12 17.46
CA ASP B 8 -18.40 -37.35 18.87
C ASP B 8 -19.66 -38.22 19.05
N GLY B 9 -20.73 -37.85 18.35
CA GLY B 9 -22.09 -38.29 18.64
C GLY B 9 -23.04 -37.17 19.03
N ASN B 10 -22.49 -35.96 19.13
CA ASN B 10 -23.27 -34.74 19.29
C ASN B 10 -23.90 -34.30 17.96
N ALA B 11 -25.04 -33.59 18.06
CA ALA B 11 -25.68 -32.97 16.89
C ALA B 11 -24.80 -31.87 16.28
N LEU B 12 -24.94 -31.67 14.96
CA LEU B 12 -24.32 -30.53 14.26
C LEU B 12 -24.80 -29.19 14.83
N PRO B 13 -23.93 -28.16 14.86
CA PRO B 13 -24.37 -26.80 15.25
C PRO B 13 -25.37 -26.23 14.25
N SER B 14 -26.38 -25.53 14.77
CA SER B 14 -27.32 -24.77 13.92
C SER B 14 -26.70 -23.50 13.30
N ALA B 15 -25.61 -23.00 13.89
CA ALA B 15 -24.95 -21.75 13.48
C ALA B 15 -23.45 -21.84 13.66
N VAL B 16 -22.71 -21.19 12.75
CA VAL B 16 -21.24 -21.24 12.70
C VAL B 16 -20.65 -19.88 12.28
N LYS B 17 -19.67 -19.42 13.08
CA LYS B 17 -18.94 -18.17 12.85
C LYS B 17 -17.59 -18.38 12.12
N LEU B 18 -17.43 -17.66 11.00
CA LEU B 18 -16.15 -17.58 10.27
C LEU B 18 -15.29 -16.43 10.77
N ALA B 19 -14.19 -16.78 11.45
CA ALA B 19 -13.13 -15.83 11.78
C ALA B 19 -12.46 -15.35 10.49
N TYR B 20 -12.34 -14.03 10.35
CA TYR B 20 -11.74 -13.41 9.17
C TYR B 20 -10.35 -12.95 9.52
N SER B 21 -9.41 -13.28 8.65
CA SER B 21 -8.05 -12.78 8.74
C SER B 21 -7.93 -11.44 7.99
N PRO B 22 -7.65 -10.33 8.71
CA PRO B 22 -7.43 -9.03 8.08
C PRO B 22 -6.12 -8.99 7.27
N ALA B 23 -5.14 -9.79 7.68
CA ALA B 23 -3.83 -9.85 7.03
C ALA B 23 -3.92 -10.52 5.65
N SER B 24 -4.53 -11.71 5.59
CA SER B 24 -4.62 -12.47 4.34
C SER B 24 -5.89 -12.16 3.52
N LYS B 25 -6.78 -11.34 4.11
CA LYS B 25 -8.08 -10.93 3.53
C LYS B 25 -9.06 -12.09 3.20
N THR B 26 -8.85 -13.24 3.87
CA THR B 26 -9.72 -14.43 3.74
C THR B 26 -10.25 -14.93 5.10
N PHE B 27 -11.10 -15.95 5.02
CA PHE B 27 -11.80 -16.52 6.17
C PHE B 27 -11.19 -17.84 6.60
N GLU B 28 -11.04 -18.01 7.93
CA GLU B 28 -10.80 -19.33 8.55
C GLU B 28 -12.05 -20.25 8.37
N SER B 29 -11.85 -21.34 7.60
CA SER B 29 -12.91 -22.34 7.38
C SER B 29 -13.31 -23.04 8.68
N TYR B 30 -14.59 -23.32 8.81
CA TYR B 30 -15.07 -24.22 9.84
C TYR B 30 -14.97 -25.66 9.35
N ARG B 31 -14.25 -26.48 10.12
CA ARG B 31 -13.96 -27.87 9.79
C ARG B 31 -14.43 -28.75 10.93
N VAL B 32 -15.44 -29.59 10.64
CA VAL B 32 -15.96 -30.55 11.62
C VAL B 32 -15.99 -31.99 11.07
N MET B 33 -15.52 -32.93 11.89
CA MET B 33 -15.58 -34.36 11.58
C MET B 33 -17.00 -34.88 11.86
N THR B 34 -17.60 -35.52 10.85
CA THR B 34 -18.98 -35.99 10.93
C THR B 34 -19.08 -37.51 10.69
N GLN B 35 -20.14 -38.12 11.22
CA GLN B 35 -20.53 -39.49 10.89
C GLN B 35 -21.99 -39.58 10.43
N VAL B 36 -22.23 -40.40 9.39
CA VAL B 36 -23.60 -40.68 8.90
C VAL B 36 -24.15 -41.85 9.71
N HIS B 37 -25.27 -41.62 10.40
CA HIS B 37 -26.10 -42.73 10.93
C HIS B 37 -27.21 -43.11 9.95
N THR B 38 -27.41 -44.42 9.79
CA THR B 38 -28.45 -44.97 8.89
C THR B 38 -28.99 -46.35 9.35
N ASN B 39 -30.14 -46.72 8.82
CA ASN B 39 -30.69 -48.10 8.93
C ASN B 39 -30.17 -49.07 7.86
N ASP B 40 -29.75 -48.51 6.72
CA ASP B 40 -29.37 -49.26 5.54
C ASP B 40 -27.94 -48.85 5.15
N ALA B 41 -26.95 -49.44 5.85
CA ALA B 41 -25.52 -49.03 5.77
C ALA B 41 -24.77 -49.53 4.51
N THR B 42 -25.56 -50.00 3.53
CA THR B 42 -25.06 -50.75 2.38
C THR B 42 -25.35 -50.03 1.01
N LYS B 43 -26.01 -48.87 1.07
CA LYS B 43 -26.52 -48.11 -0.10
C LYS B 43 -25.65 -46.87 -0.51
N LYS B 44 -25.94 -46.32 -1.70
CA LYS B 44 -25.47 -44.96 -2.09
C LYS B 44 -26.03 -43.78 -1.23
N VAL B 45 -25.12 -43.02 -0.60
CA VAL B 45 -25.47 -41.73 0.07
C VAL B 45 -25.34 -40.58 -0.95
N ILE B 46 -26.46 -39.90 -1.17
CA ILE B 46 -26.52 -38.83 -2.18
C ILE B 46 -26.51 -37.47 -1.46
N VAL B 47 -25.41 -36.74 -1.67
CA VAL B 47 -25.08 -35.55 -0.87
C VAL B 47 -25.15 -34.32 -1.79
N LYS B 48 -25.92 -33.31 -1.38
CA LYS B 48 -26.18 -32.07 -2.18
C LYS B 48 -26.58 -30.83 -1.31
N LEU B 49 -26.58 -29.65 -1.93
CA LEU B 49 -27.12 -28.43 -1.29
C LEU B 49 -28.49 -28.06 -1.87
N ALA B 50 -29.39 -27.58 -1.00
CA ALA B 50 -30.74 -27.17 -1.44
C ALA B 50 -30.68 -25.89 -2.26
N ASP B 51 -29.79 -24.97 -1.86
CA ASP B 51 -29.63 -23.65 -2.47
C ASP B 51 -28.15 -23.38 -2.68
N THR B 52 -27.83 -22.42 -3.57
CA THR B 52 -26.49 -21.82 -3.61
C THR B 52 -26.34 -20.82 -2.42
N PRO B 53 -25.46 -21.16 -1.45
CA PRO B 53 -25.29 -20.34 -0.24
C PRO B 53 -24.34 -19.16 -0.45
N GLN B 54 -24.85 -18.00 -0.05
CA GLN B 54 -24.11 -16.76 -0.07
C GLN B 54 -24.01 -16.24 1.36
N LEU B 55 -22.87 -15.64 1.68
CA LEU B 55 -22.80 -14.56 2.67
C LEU B 55 -23.22 -13.27 2.01
N THR B 56 -24.32 -12.70 2.50
CA THR B 56 -24.78 -11.40 2.05
C THR B 56 -24.67 -10.39 3.18
N ASP B 57 -24.13 -9.21 2.84
CA ASP B 57 -24.10 -8.04 3.73
C ASP B 57 -25.48 -7.71 4.24
N VAL B 58 -25.57 -7.64 5.54
CA VAL B 58 -26.82 -7.71 6.25
C VAL B 58 -27.56 -6.33 6.25
N LEU B 59 -26.83 -5.28 5.85
CA LEU B 59 -27.39 -3.93 5.62
C LEU B 59 -27.35 -3.50 4.14
N ASN B 60 -26.94 -4.42 3.26
CA ASN B 60 -26.87 -4.20 1.80
C ASN B 60 -26.84 -5.50 1.00
N SER B 61 -27.92 -5.75 0.25
CA SER B 61 -28.13 -7.06 -0.40
C SER B 61 -27.47 -7.22 -1.80
N THR B 62 -26.73 -6.18 -2.24
CA THR B 62 -25.88 -6.24 -3.47
C THR B 62 -24.43 -6.69 -3.21
N VAL B 63 -24.07 -6.85 -1.94
CA VAL B 63 -22.70 -7.21 -1.52
C VAL B 63 -22.70 -8.68 -1.03
N GLN B 64 -22.27 -9.58 -1.92
CA GLN B 64 -22.40 -11.05 -1.72
C GLN B 64 -21.04 -11.72 -1.76
N MET B 65 -20.88 -12.81 -1.00
CA MET B 65 -19.66 -13.63 -1.04
C MET B 65 -20.03 -15.13 -1.05
N PRO B 66 -19.43 -15.90 -1.99
CA PRO B 66 -19.76 -17.33 -2.15
C PRO B 66 -19.32 -18.18 -0.95
N ILE B 67 -20.21 -19.07 -0.52
CA ILE B 67 -19.87 -20.13 0.43
C ILE B 67 -19.50 -21.40 -0.34
N SER B 68 -18.39 -22.01 0.10
CA SER B 68 -18.05 -23.37 -0.32
C SER B 68 -18.32 -24.34 0.81
N VAL B 69 -18.86 -25.50 0.42
CA VAL B 69 -19.14 -26.57 1.34
C VAL B 69 -18.58 -27.85 0.77
N SER B 70 -17.70 -28.47 1.54
CA SER B 70 -17.21 -29.80 1.24
C SER B 70 -17.61 -30.84 2.28
N TRP B 71 -17.64 -32.10 1.84
CA TRP B 71 -17.96 -33.25 2.70
C TRP B 71 -17.40 -34.50 2.04
N GLY B 72 -16.66 -35.29 2.82
CA GLY B 72 -16.00 -36.50 2.33
C GLY B 72 -14.78 -36.26 1.43
N GLY B 73 -14.30 -35.01 1.36
CA GLY B 73 -13.34 -34.57 0.35
C GLY B 73 -13.93 -33.86 -0.87
N GLN B 74 -15.25 -34.03 -1.10
CA GLN B 74 -15.93 -33.47 -2.31
C GLN B 74 -16.54 -32.08 -2.07
N VAL B 75 -16.22 -31.13 -2.96
CA VAL B 75 -16.93 -29.81 -3.02
C VAL B 75 -18.40 -30.04 -3.42
N LEU B 76 -19.31 -29.50 -2.63
CA LEU B 76 -20.74 -29.69 -2.86
C LEU B 76 -21.41 -28.53 -3.59
N SER B 77 -22.36 -28.90 -4.44
CA SER B 77 -23.14 -27.96 -5.23
C SER B 77 -24.61 -28.41 -5.23
N THR B 78 -25.47 -27.71 -6.00
CA THR B 78 -26.91 -28.04 -6.12
C THR B 78 -27.13 -29.35 -6.91
N THR B 79 -26.15 -29.69 -7.78
CA THR B 79 -25.95 -31.03 -8.31
C THR B 79 -25.45 -31.99 -7.20
N ALA B 80 -26.16 -33.12 -7.08
CA ALA B 80 -25.86 -34.15 -6.09
C ALA B 80 -24.65 -34.99 -6.49
N LYS B 81 -23.79 -35.27 -5.51
CA LYS B 81 -22.75 -36.32 -5.63
C LYS B 81 -23.14 -37.58 -4.83
N GLU B 82 -22.96 -38.75 -5.44
CA GLU B 82 -23.15 -40.03 -4.75
C GLU B 82 -21.89 -40.47 -4.03
N PHE B 83 -22.08 -41.03 -2.84
CA PHE B 83 -21.03 -41.75 -2.12
C PHE B 83 -21.41 -43.23 -2.01
N GLU B 84 -20.56 -44.11 -2.58
CA GLU B 84 -20.69 -45.59 -2.41
C GLU B 84 -20.59 -45.95 -0.92
N ALA B 85 -21.52 -46.80 -0.43
CA ALA B 85 -21.55 -47.21 0.99
C ALA B 85 -20.23 -47.83 1.47
N ALA B 86 -19.76 -48.85 0.72
CA ALA B 86 -18.38 -49.34 0.78
C ALA B 86 -17.31 -48.27 1.04
N ALA B 87 -17.43 -47.12 0.35
CA ALA B 87 -16.50 -45.96 0.50
C ALA B 87 -16.59 -45.25 1.86
N LEU B 88 -17.81 -45.05 2.36
CA LEU B 88 -18.05 -44.49 3.69
C LEU B 88 -17.63 -45.43 4.82
N GLY B 89 -17.47 -46.73 4.49
CA GLY B 89 -16.81 -47.71 5.34
C GLY B 89 -17.49 -47.87 6.68
N TYR B 90 -18.71 -48.38 6.66
CA TYR B 90 -19.60 -48.42 7.82
C TYR B 90 -19.14 -49.47 8.83
N SER B 91 -19.41 -49.18 10.10
CA SER B 91 -19.28 -50.16 11.17
C SER B 91 -20.64 -50.76 11.53
N ALA B 92 -20.62 -52.06 11.84
CA ALA B 92 -21.61 -52.71 12.71
C ALA B 92 -20.96 -53.66 13.75
N SER B 93 -19.96 -53.13 14.47
CA SER B 93 -19.15 -53.92 15.42
C SER B 93 -19.69 -53.88 16.87
N GLY B 94 -20.05 -52.67 17.32
CA GLY B 94 -21.13 -52.48 18.28
C GLY B 94 -21.84 -51.14 18.15
N VAL B 95 -21.45 -50.35 17.13
CA VAL B 95 -22.25 -49.24 16.60
C VAL B 95 -22.92 -49.63 15.26
N ASN B 96 -24.24 -49.88 15.34
CA ASN B 96 -24.96 -50.68 14.34
C ASN B 96 -25.55 -49.83 13.17
N GLY B 97 -24.65 -49.12 12.45
CA GLY B 97 -25.02 -48.33 11.26
C GLY B 97 -24.44 -46.92 11.20
N VAL B 98 -23.10 -46.84 11.27
CA VAL B 98 -22.37 -45.58 11.54
C VAL B 98 -21.09 -45.56 10.66
N SER B 99 -20.90 -44.46 9.90
CA SER B 99 -19.75 -44.29 8.96
C SER B 99 -18.39 -44.14 9.69
N SER B 100 -17.29 -44.32 8.94
CA SER B 100 -15.99 -43.69 9.26
C SER B 100 -16.10 -42.16 9.14
N SER B 101 -15.25 -41.44 9.90
CA SER B 101 -15.37 -39.99 10.05
C SER B 101 -15.00 -39.22 8.80
N GLN B 102 -15.90 -38.31 8.42
CA GLN B 102 -15.81 -37.57 7.17
C GLN B 102 -16.06 -36.08 7.42
N GLU B 103 -15.16 -35.25 6.91
CA GLU B 103 -15.04 -33.87 7.38
C GLU B 103 -15.90 -32.91 6.59
N LEU B 104 -16.68 -32.11 7.32
CA LEU B 104 -17.45 -31.00 6.79
C LEU B 104 -16.64 -29.68 6.85
N VAL B 105 -16.38 -29.12 5.66
CA VAL B 105 -15.59 -27.86 5.54
C VAL B 105 -16.52 -26.76 4.99
N ILE B 106 -16.81 -25.79 5.85
CA ILE B 106 -17.57 -24.61 5.47
C ILE B 106 -16.59 -23.46 5.33
N SER B 107 -16.54 -22.90 4.15
CA SER B 107 -15.63 -21.81 3.85
C SER B 107 -16.32 -20.75 3.03
N ALA B 108 -15.68 -19.58 2.97
CA ALA B 108 -16.08 -18.48 2.12
C ALA B 108 -14.84 -17.70 1.73
N ALA B 109 -14.94 -17.03 0.59
CA ALA B 109 -13.90 -16.14 0.09
C ALA B 109 -14.57 -14.88 -0.43
N PRO B 110 -13.81 -13.75 -0.55
CA PRO B 110 -14.28 -12.56 -1.31
C PRO B 110 -14.86 -12.86 -2.69
N LYS B 111 -15.80 -12.03 -3.13
CA LYS B 111 -16.51 -12.19 -4.41
C LYS B 111 -15.53 -12.21 -5.58
N THR B 112 -14.67 -11.19 -5.63
CA THR B 112 -13.55 -11.11 -6.59
C THR B 112 -12.20 -11.35 -5.89
N ALA B 113 -11.42 -12.28 -6.43
CA ALA B 113 -10.09 -12.60 -5.88
C ALA B 113 -9.12 -11.45 -6.10
N GLY B 114 -8.24 -11.23 -5.11
CA GLY B 114 -7.36 -10.06 -5.04
C GLY B 114 -8.04 -8.76 -4.63
N THR B 115 -9.29 -8.86 -4.21
CA THR B 115 -10.03 -7.70 -3.71
C THR B 115 -10.49 -7.94 -2.28
N ALA B 116 -10.13 -6.99 -1.41
CA ALA B 116 -10.65 -6.95 -0.04
C ALA B 116 -12.18 -6.77 -0.03
N PRO B 117 -12.90 -7.53 0.80
CA PRO B 117 -14.32 -7.32 0.96
C PRO B 117 -14.62 -6.09 1.88
N THR B 118 -15.78 -5.48 1.64
CA THR B 118 -16.29 -4.35 2.42
C THR B 118 -16.58 -4.71 3.88
N ALA B 119 -16.21 -3.80 4.77
CA ALA B 119 -16.64 -3.85 6.18
C ALA B 119 -18.16 -3.98 6.31
N GLY B 120 -18.57 -4.96 7.10
CA GLY B 120 -19.97 -5.30 7.25
C GLY B 120 -20.19 -6.62 7.96
N ASN B 121 -21.44 -6.89 8.27
CA ASN B 121 -21.84 -8.16 8.82
C ASN B 121 -22.57 -8.90 7.76
N TYR B 122 -22.16 -10.17 7.58
CA TYR B 122 -22.70 -11.02 6.52
C TYR B 122 -23.40 -12.26 7.08
N SER B 123 -24.49 -12.63 6.46
CA SER B 123 -25.28 -13.78 6.87
C SER B 123 -25.65 -14.68 5.69
N GLY B 124 -25.57 -15.99 5.92
CA GLY B 124 -26.23 -16.97 5.05
C GLY B 124 -26.53 -18.32 5.68
N VAL B 125 -27.19 -19.19 4.89
CA VAL B 125 -27.50 -20.58 5.32
C VAL B 125 -26.99 -21.64 4.36
N VAL B 126 -26.26 -22.60 4.94
CA VAL B 126 -25.90 -23.86 4.30
C VAL B 126 -27.00 -24.90 4.58
N SER B 127 -27.69 -25.27 3.51
CA SER B 127 -28.84 -26.17 3.52
C SER B 127 -28.44 -27.53 2.94
N LEU B 128 -27.77 -28.33 3.77
CA LEU B 128 -27.15 -29.59 3.40
C LEU B 128 -28.20 -30.71 3.34
N VAL B 129 -28.27 -31.36 2.17
CA VAL B 129 -29.27 -32.42 1.92
C VAL B 129 -28.57 -33.77 1.70
N MET B 130 -28.95 -34.76 2.51
CA MET B 130 -28.55 -36.15 2.32
C MET B 130 -29.74 -37.08 2.09
N THR B 131 -29.53 -38.07 1.22
CA THR B 131 -30.60 -38.95 0.70
C THR B 131 -30.11 -40.41 0.71
N LEU B 132 -31.05 -41.33 0.98
CA LEU B 132 -30.86 -42.81 0.89
C LEU B 132 -31.45 -43.38 -0.44
N GLY B 133 -30.55 -43.86 -1.30
CA GLY B 133 -30.91 -44.54 -2.56
C GLY B 133 -31.55 -43.67 -3.65
N SER B 134 -31.33 -42.34 -3.55
CA SER B 134 -32.17 -41.27 -4.16
C SER B 134 -33.69 -41.59 -4.28
N ASP B 135 -34.32 -41.85 -3.12
CA ASP B 135 -35.75 -42.21 -3.02
C ASP B 135 -36.57 -41.05 -2.36
N ASN B 136 -37.74 -41.41 -1.78
CA ASN B 136 -38.66 -40.43 -1.15
C ASN B 136 -38.14 -39.74 0.15
N LYS B 137 -37.15 -40.38 0.82
CA LYS B 137 -36.74 -40.04 2.20
C LYS B 137 -35.42 -39.26 2.21
N GLN B 138 -35.28 -38.31 3.15
CA GLN B 138 -34.09 -37.44 3.28
C GLN B 138 -33.90 -36.80 4.67
N VAL B 139 -32.77 -36.11 4.82
CA VAL B 139 -32.57 -35.19 5.93
C VAL B 139 -31.92 -33.87 5.47
N GLU B 140 -32.54 -32.76 5.90
CA GLU B 140 -31.96 -31.42 5.77
C GLU B 140 -31.34 -30.97 7.11
N LYS B 141 -30.03 -30.72 7.09
CA LYS B 141 -29.35 -29.96 8.15
C LYS B 141 -29.02 -28.56 7.64
N ASN B 142 -29.68 -27.57 8.24
CA ASN B 142 -29.34 -26.16 8.04
C ASN B 142 -28.28 -25.69 9.01
N ILE B 143 -27.26 -25.04 8.48
CA ILE B 143 -26.26 -24.36 9.31
C ILE B 143 -26.23 -22.89 8.89
N THR B 144 -26.57 -22.01 9.83
CA THR B 144 -26.35 -20.57 9.67
C THR B 144 -24.87 -20.26 9.67
N VAL B 145 -24.48 -19.52 8.67
CA VAL B 145 -23.13 -19.02 8.54
C VAL B 145 -23.19 -17.49 8.56
N THR B 146 -22.52 -16.93 9.55
CA THR B 146 -22.27 -15.51 9.61
C THR B 146 -20.77 -15.24 9.55
N ALA B 147 -20.42 -14.09 8.98
CA ALA B 147 -19.07 -13.54 9.13
C ALA B 147 -19.07 -12.04 9.33
N SER B 148 -18.05 -11.55 10.03
CA SER B 148 -17.83 -10.13 10.25
C SER B 148 -16.53 -9.66 9.63
N VAL B 149 -16.64 -8.67 8.74
CA VAL B 149 -15.46 -7.92 8.27
C VAL B 149 -15.36 -6.61 9.05
N ASP B 150 -14.40 -6.58 9.98
CA ASP B 150 -14.12 -5.43 10.84
C ASP B 150 -13.71 -4.17 10.04
N PRO B 151 -14.27 -3.01 10.39
CA PRO B 151 -13.81 -1.70 9.85
C PRO B 151 -12.35 -1.41 10.11
N VAL B 152 -11.67 -0.91 9.06
CA VAL B 152 -10.26 -0.47 9.17
C VAL B 152 -10.06 0.88 8.52
N ILE B 153 -9.22 1.72 9.13
CA ILE B 153 -8.83 2.99 8.55
C ILE B 153 -7.35 3.27 8.81
N GLU B 154 -6.62 3.59 7.72
CA GLU B 154 -5.21 4.02 7.78
C GLU B 154 -5.09 5.34 7.03
N LEU B 155 -4.28 6.26 7.56
CA LEU B 155 -3.88 7.45 6.85
C LEU B 155 -2.42 7.39 6.53
N LEU B 156 -2.12 7.42 5.25
CA LEU B 156 -0.77 7.27 4.76
C LEU B 156 -0.40 8.45 3.89
N GLN B 157 0.90 8.62 3.62
CA GLN B 157 1.37 9.44 2.50
C GLN B 157 0.89 8.86 1.19
N ALA B 158 0.77 9.70 0.16
CA ALA B 158 0.19 9.30 -1.14
C ALA B 158 0.97 8.18 -1.83
N ASP B 159 2.28 8.11 -1.59
CA ASP B 159 3.13 7.03 -2.06
C ASP B 159 3.10 5.74 -1.19
N GLY B 160 2.35 5.79 -0.09
CA GLY B 160 2.15 4.64 0.80
C GLY B 160 3.10 4.58 1.99
N ASN B 161 4.08 5.49 2.05
CA ASN B 161 4.86 5.74 3.27
C ASN B 161 3.96 6.09 4.45
N ALA B 162 4.47 5.86 5.66
CA ALA B 162 3.90 6.42 6.88
C ALA B 162 4.06 7.92 6.85
N LEU B 163 3.15 8.63 7.53
CA LEU B 163 3.32 10.06 7.86
C LEU B 163 4.57 10.28 8.70
N PRO B 164 5.24 11.44 8.56
CA PRO B 164 6.40 11.72 9.41
C PRO B 164 5.98 11.90 10.86
N SER B 165 6.81 11.37 11.76
CA SER B 165 6.72 11.66 13.20
C SER B 165 7.09 13.13 13.58
N ALA B 166 7.76 13.83 12.64
CA ALA B 166 8.46 15.10 12.92
C ALA B 166 8.58 15.99 11.70
N VAL B 167 8.45 17.31 11.95
CA VAL B 167 8.27 18.34 10.94
C VAL B 167 8.97 19.63 11.40
N LYS B 168 9.81 20.18 10.53
CA LYS B 168 10.53 21.42 10.81
C LYS B 168 10.00 22.52 9.92
N LEU B 169 9.50 23.60 10.54
CA LEU B 169 8.94 24.75 9.80
C LEU B 169 9.99 25.84 9.69
N ALA B 170 10.28 26.27 8.45
CA ALA B 170 11.28 27.31 8.21
C ALA B 170 10.65 28.64 8.47
N TYR B 171 11.45 29.57 8.99
CA TYR B 171 11.00 30.94 9.24
C TYR B 171 11.62 31.88 8.21
N SER B 172 10.80 32.79 7.70
CA SER B 172 11.27 33.84 6.78
C SER B 172 11.37 35.15 7.55
N PRO B 173 12.58 35.71 7.72
CA PRO B 173 12.75 36.95 8.52
C PRO B 173 12.22 38.20 7.82
N ALA B 174 12.01 38.13 6.49
CA ALA B 174 11.60 39.27 5.66
C ALA B 174 10.08 39.52 5.72
N SER B 175 9.31 38.46 5.53
CA SER B 175 7.85 38.51 5.67
C SER B 175 7.37 38.28 7.11
N LYS B 176 8.30 37.83 7.97
CA LYS B 176 8.06 37.49 9.41
C LYS B 176 7.05 36.36 9.63
N THR B 177 7.11 35.38 8.74
CA THR B 177 6.15 34.27 8.68
C THR B 177 6.88 32.92 8.64
N PHE B 178 6.12 31.86 8.85
CA PHE B 178 6.59 30.53 8.61
C PHE B 178 6.15 29.99 7.22
N GLU B 179 7.04 29.21 6.62
CA GLU B 179 6.73 28.41 5.44
C GLU B 179 5.95 27.19 5.91
N SER B 180 4.79 26.96 5.28
CA SER B 180 3.92 25.82 5.63
C SER B 180 4.51 24.49 5.24
N TYR B 181 4.39 23.50 6.10
CA TYR B 181 4.65 22.13 5.70
C TYR B 181 3.46 21.60 4.91
N ARG B 182 3.74 21.01 3.77
CA ARG B 182 2.74 20.34 2.95
C ARG B 182 3.13 18.92 2.66
N VAL B 183 2.16 18.01 2.77
CA VAL B 183 2.29 16.64 2.31
C VAL B 183 0.95 16.06 1.75
N MET B 184 1.06 15.32 0.66
CA MET B 184 -0.04 14.56 0.10
C MET B 184 -0.27 13.25 0.86
N THR B 185 -1.54 13.05 1.24
CA THR B 185 -1.97 11.91 2.06
C THR B 185 -3.14 11.19 1.40
N GLN B 186 -3.32 9.90 1.69
CA GLN B 186 -4.52 9.18 1.29
C GLN B 186 -5.09 8.36 2.43
N VAL B 187 -6.41 8.34 2.52
CA VAL B 187 -7.11 7.46 3.44
C VAL B 187 -7.37 6.10 2.83
N HIS B 188 -6.87 5.06 3.52
CA HIS B 188 -7.19 3.68 3.15
C HIS B 188 -8.22 3.14 4.10
N THR B 189 -9.35 2.72 3.54
CA THR B 189 -10.41 2.08 4.32
C THR B 189 -11.09 0.93 3.60
N ASN B 190 -11.60 -0.04 4.36
CA ASN B 190 -12.58 -1.00 3.84
C ASN B 190 -14.05 -0.59 4.03
N ASP B 191 -14.27 0.48 4.79
CA ASP B 191 -15.63 1.00 5.01
C ASP B 191 -15.90 2.31 4.28
N ALA B 192 -15.97 2.18 2.95
CA ALA B 192 -15.70 3.25 2.03
C ALA B 192 -16.94 4.14 1.78
N THR B 193 -18.07 3.74 2.36
CA THR B 193 -19.33 4.51 2.33
C THR B 193 -19.46 5.47 3.55
N LYS B 194 -18.69 5.24 4.61
CA LYS B 194 -18.77 6.06 5.83
C LYS B 194 -18.11 7.42 5.68
N LYS B 195 -18.68 8.40 6.37
CA LYS B 195 -18.03 9.66 6.71
C LYS B 195 -16.69 9.47 7.42
N VAL B 196 -15.69 10.24 7.00
CA VAL B 196 -14.42 10.36 7.70
C VAL B 196 -14.46 11.64 8.58
N ILE B 197 -14.31 11.45 9.91
CA ILE B 197 -14.38 12.51 10.90
C ILE B 197 -12.96 12.89 11.41
N VAL B 198 -12.57 14.16 11.24
CA VAL B 198 -11.19 14.61 11.38
C VAL B 198 -11.14 15.77 12.40
N LYS B 199 -10.37 15.56 13.47
CA LYS B 199 -10.10 16.60 14.49
C LYS B 199 -8.63 16.60 15.01
N LEU B 200 -8.28 17.66 15.73
CA LEU B 200 -7.10 17.69 16.62
C LEU B 200 -7.48 17.36 18.06
N ALA B 201 -6.67 16.50 18.71
CA ALA B 201 -6.98 15.96 20.07
C ALA B 201 -6.73 17.04 21.14
N ASP B 202 -5.75 17.92 20.83
CA ASP B 202 -5.37 19.07 21.65
C ASP B 202 -5.25 20.27 20.67
N THR B 203 -5.42 21.50 21.16
CA THR B 203 -5.08 22.71 20.36
C THR B 203 -3.54 22.91 20.32
N PRO B 204 -2.92 22.79 19.13
CA PRO B 204 -1.46 22.68 19.02
C PRO B 204 -0.76 24.04 19.10
N GLN B 205 0.38 24.07 19.80
CA GLN B 205 1.17 25.28 19.97
C GLN B 205 2.62 24.93 19.70
N LEU B 206 3.35 25.82 19.04
CA LEU B 206 4.81 25.89 19.20
C LEU B 206 5.12 26.64 20.47
N THR B 207 5.73 25.93 21.42
CA THR B 207 6.22 26.52 22.68
C THR B 207 7.75 26.62 22.65
N ASP B 208 8.26 27.77 23.12
CA ASP B 208 9.68 27.91 23.49
C ASP B 208 10.13 26.74 24.37
N VAL B 209 11.14 26.03 23.86
CA VAL B 209 11.64 24.77 24.39
C VAL B 209 12.20 24.92 25.84
N LEU B 210 12.54 26.17 26.21
CA LEU B 210 13.06 26.50 27.52
C LEU B 210 12.14 27.40 28.38
N ASN B 211 11.03 27.86 27.80
CA ASN B 211 10.08 28.73 28.52
C ASN B 211 8.65 28.48 28.03
N SER B 212 7.83 27.89 28.91
CA SER B 212 6.42 27.49 28.59
C SER B 212 5.45 28.63 28.19
N THR B 213 5.68 29.82 28.73
CA THR B 213 4.78 30.98 28.50
C THR B 213 4.90 31.58 27.10
N VAL B 214 6.02 31.34 26.43
CA VAL B 214 6.28 31.91 25.11
C VAL B 214 5.82 30.89 24.06
N GLN B 215 4.68 31.18 23.41
CA GLN B 215 4.08 30.25 22.45
C GLN B 215 3.43 30.90 21.20
N MET B 216 3.43 30.14 20.10
CA MET B 216 2.77 30.54 18.83
C MET B 216 1.81 29.44 18.36
N PRO B 217 0.65 29.84 17.78
CA PRO B 217 -0.40 28.87 17.35
C PRO B 217 0.05 28.08 16.12
N ILE B 218 -0.23 26.77 16.13
CA ILE B 218 -0.09 25.92 14.94
C ILE B 218 -1.44 25.79 14.21
N SER B 219 -1.47 26.10 12.92
CA SER B 219 -2.66 25.85 12.08
C SER B 219 -2.52 24.52 11.30
N VAL B 220 -3.62 23.76 11.26
CA VAL B 220 -3.66 22.45 10.56
C VAL B 220 -4.88 22.40 9.67
N SER B 221 -4.65 22.10 8.41
CA SER B 221 -5.72 21.86 7.48
C SER B 221 -5.50 20.57 6.77
N TRP B 222 -6.59 19.81 6.61
CA TRP B 222 -6.59 18.58 5.87
C TRP B 222 -7.74 18.56 4.84
N GLY B 223 -7.40 18.17 3.62
CA GLY B 223 -8.34 18.11 2.53
C GLY B 223 -9.02 19.43 2.27
N GLY B 224 -8.27 20.53 2.40
CA GLY B 224 -8.79 21.86 2.16
C GLY B 224 -9.40 22.54 3.37
N GLN B 225 -9.65 21.81 4.46
CA GLN B 225 -10.41 22.36 5.58
C GLN B 225 -9.56 22.52 6.82
N VAL B 226 -9.69 23.68 7.47
CA VAL B 226 -8.98 24.01 8.71
C VAL B 226 -9.50 23.13 9.85
N LEU B 227 -8.57 22.45 10.52
CA LEU B 227 -8.89 21.53 11.59
C LEU B 227 -8.84 22.19 12.94
N SER B 228 -9.72 21.73 13.82
CA SER B 228 -9.78 22.18 15.20
C SER B 228 -10.06 20.99 16.10
N THR B 229 -10.24 21.29 17.39
CA THR B 229 -10.66 20.29 18.37
C THR B 229 -12.13 19.88 18.18
N THR B 230 -12.89 20.72 17.48
CA THR B 230 -14.19 20.36 16.96
C THR B 230 -13.98 19.51 15.72
N ALA B 231 -14.57 18.32 15.72
CA ALA B 231 -14.51 17.43 14.56
C ALA B 231 -15.22 17.98 13.34
N LYS B 232 -14.59 17.78 12.20
CA LYS B 232 -15.19 18.10 10.89
C LYS B 232 -15.40 16.84 10.09
N GLU B 233 -16.56 16.80 9.44
CA GLU B 233 -16.99 15.65 8.65
C GLU B 233 -16.57 15.78 7.17
N PHE B 234 -16.12 14.69 6.58
CA PHE B 234 -15.93 14.58 5.17
C PHE B 234 -16.77 13.39 4.67
N GLU B 235 -17.77 13.69 3.82
CA GLU B 235 -18.52 12.66 3.05
C GLU B 235 -17.59 11.83 2.20
N ALA B 236 -17.87 10.54 2.19
CA ALA B 236 -17.09 9.53 1.49
C ALA B 236 -16.97 9.78 -0.03
N ALA B 237 -18.10 10.20 -0.64
CA ALA B 237 -18.15 10.50 -2.08
C ALA B 237 -17.32 11.74 -2.49
N ALA B 238 -17.16 12.67 -1.55
CA ALA B 238 -16.31 13.85 -1.74
C ALA B 238 -14.81 13.51 -1.78
N LEU B 239 -14.44 12.42 -1.09
CA LEU B 239 -13.05 11.99 -0.93
C LEU B 239 -12.49 11.25 -2.13
N GLY B 240 -13.39 10.96 -3.08
CA GLY B 240 -13.01 10.44 -4.38
C GLY B 240 -12.50 9.01 -4.35
N TYR B 241 -13.15 8.15 -3.57
CA TYR B 241 -13.05 6.70 -3.73
C TYR B 241 -13.51 6.29 -5.14
N SER B 242 -13.08 5.10 -5.58
CA SER B 242 -13.54 4.46 -6.83
C SER B 242 -13.94 3.00 -6.61
N ALA B 243 -15.08 2.63 -7.20
CA ALA B 243 -15.51 1.23 -7.39
C ALA B 243 -14.73 0.42 -8.50
N SER B 244 -13.76 1.09 -9.17
CA SER B 244 -12.98 0.46 -10.30
C SER B 244 -11.57 1.07 -10.60
N GLY B 245 -11.03 1.83 -9.62
CA GLY B 245 -9.62 2.26 -9.62
C GLY B 245 -8.72 1.47 -8.65
N VAL B 246 -8.03 2.20 -7.75
CA VAL B 246 -7.38 1.57 -6.57
C VAL B 246 -8.32 1.56 -5.36
N ASN B 247 -8.96 0.40 -5.15
CA ASN B 247 -10.17 0.28 -4.34
C ASN B 247 -9.88 0.38 -2.85
N GLY B 248 -10.76 1.09 -2.14
CA GLY B 248 -10.55 1.45 -0.74
C GLY B 248 -9.58 2.59 -0.43
N VAL B 249 -9.16 3.32 -1.46
CA VAL B 249 -8.19 4.43 -1.28
C VAL B 249 -8.81 5.72 -1.80
N SER B 250 -8.83 6.75 -0.94
CA SER B 250 -9.22 8.10 -1.38
C SER B 250 -8.30 8.67 -2.49
N SER B 251 -8.77 9.72 -3.16
CA SER B 251 -7.87 10.66 -3.84
C SER B 251 -6.96 11.37 -2.81
N SER B 252 -5.88 11.95 -3.33
CA SER B 252 -4.89 12.65 -2.53
C SER B 252 -5.45 13.81 -1.77
N GLN B 253 -5.09 13.87 -0.50
CA GLN B 253 -5.55 14.93 0.41
C GLN B 253 -4.34 15.58 1.03
N GLU B 254 -4.21 16.89 0.80
CA GLU B 254 -3.07 17.69 1.31
C GLU B 254 -3.24 17.99 2.80
N LEU B 255 -2.33 17.47 3.62
CA LEU B 255 -2.10 17.98 4.98
C LEU B 255 -1.14 19.16 4.97
N VAL B 256 -1.59 20.23 5.61
CA VAL B 256 -0.84 21.50 5.71
C VAL B 256 -0.73 21.88 7.21
N ILE B 257 0.53 21.93 7.69
CA ILE B 257 0.86 22.41 9.04
C ILE B 257 1.62 23.76 8.90
N SER B 258 1.11 24.78 9.56
CA SER B 258 1.79 26.09 9.66
C SER B 258 1.83 26.64 11.09
N ALA B 259 2.51 27.77 11.24
CA ALA B 259 2.41 28.59 12.43
C ALA B 259 2.46 30.02 12.05
N ALA B 260 1.71 30.83 12.78
CA ALA B 260 1.82 32.27 12.73
C ALA B 260 2.33 32.77 14.09
N PRO B 261 3.08 33.90 14.10
CA PRO B 261 3.37 34.60 15.36
C PRO B 261 2.10 35.11 16.04
N LYS B 262 2.17 35.30 17.37
CA LYS B 262 1.02 35.62 18.23
C LYS B 262 0.27 36.92 17.80
N THR B 263 1.05 37.99 17.60
CA THR B 263 0.59 39.25 16.97
C THR B 263 1.23 39.38 15.58
N ALA B 264 0.42 39.71 14.58
CA ALA B 264 0.88 39.96 13.21
C ALA B 264 1.75 41.24 13.06
N GLY B 265 2.79 41.14 12.22
CA GLY B 265 3.77 42.20 12.03
C GLY B 265 4.91 42.22 13.04
N THR B 266 4.77 41.41 14.10
CA THR B 266 5.77 41.31 15.18
C THR B 266 6.56 40.02 15.02
N ALA B 267 7.88 40.19 14.88
CA ALA B 267 8.86 39.15 15.09
C ALA B 267 8.53 38.31 16.33
N PRO B 268 8.34 37.00 16.14
CA PRO B 268 8.34 36.06 17.27
C PRO B 268 9.63 36.17 18.04
N THR B 269 9.54 35.95 19.35
CA THR B 269 10.74 35.86 20.18
C THR B 269 11.71 34.85 19.59
N ALA B 270 12.95 35.29 19.43
CA ALA B 270 14.10 34.40 19.22
C ALA B 270 14.07 33.12 20.10
N GLY B 271 14.41 31.99 19.49
CA GLY B 271 14.68 30.75 20.18
C GLY B 271 14.13 29.56 19.43
N ASN B 272 14.00 28.46 20.17
CA ASN B 272 13.64 27.16 19.64
C ASN B 272 12.27 26.69 20.13
N TYR B 273 11.41 26.33 19.20
CA TYR B 273 10.00 26.04 19.47
C TYR B 273 9.68 24.60 19.16
N SER B 274 8.78 24.01 19.94
CA SER B 274 8.34 22.63 19.70
C SER B 274 6.92 22.41 20.17
N GLY B 275 6.18 21.55 19.45
CA GLY B 275 4.82 21.21 19.82
C GLY B 275 4.30 20.04 19.04
N VAL B 276 3.20 19.45 19.51
CA VAL B 276 2.65 18.25 18.90
C VAL B 276 1.30 18.53 18.25
N VAL B 277 1.16 18.13 17.00
CA VAL B 277 -0.14 18.02 16.33
C VAL B 277 -0.58 16.60 16.46
N SER B 278 -1.70 16.42 17.15
CA SER B 278 -2.32 15.13 17.30
C SER B 278 -3.58 15.07 16.43
N LEU B 279 -3.40 14.42 15.28
CA LEU B 279 -4.42 14.32 14.28
C LEU B 279 -5.21 13.02 14.50
N VAL B 280 -6.51 13.17 14.75
CA VAL B 280 -7.42 12.02 14.91
C VAL B 280 -8.37 11.93 13.73
N MET B 281 -8.38 10.78 13.11
CA MET B 281 -9.31 10.49 12.02
C MET B 281 -10.16 9.29 12.39
N THR B 282 -11.47 9.42 12.27
CA THR B 282 -12.45 8.46 12.79
C THR B 282 -13.32 8.05 11.63
N LEU B 283 -13.71 6.79 11.60
CA LEU B 283 -14.67 6.31 10.62
C LEU B 283 -16.06 6.49 11.20
N GLY B 284 -16.93 7.15 10.45
CA GLY B 284 -18.22 7.64 10.94
C GLY B 284 -19.15 6.53 11.40
N SER B 285 -19.54 6.62 12.67
CA SER B 285 -20.40 5.63 13.38
C SER B 285 -19.74 4.27 13.76
N ASP B 286 -18.57 3.98 13.20
CA ASP B 286 -17.74 2.88 13.70
C ASP B 286 -16.88 3.37 14.86
N ASN B 287 -16.19 2.44 15.52
CA ASN B 287 -15.16 2.81 16.52
C ASN B 287 -13.99 3.47 15.90
N LYS B 288 -13.60 2.93 14.75
CA LYS B 288 -12.21 2.79 14.41
C LYS B 288 -11.62 4.12 14.04
N GLN B 289 -10.59 4.48 14.80
CA GLN B 289 -9.85 5.70 14.61
C GLN B 289 -8.36 5.48 14.41
N VAL B 290 -7.75 6.45 13.74
CA VAL B 290 -6.32 6.57 13.65
C VAL B 290 -5.81 7.92 14.23
N GLU B 291 -4.74 7.86 15.01
CA GLU B 291 -4.12 9.07 15.54
C GLU B 291 -2.65 9.16 15.15
N LYS B 292 -2.30 10.28 14.49
CA LYS B 292 -0.90 10.58 14.16
C LYS B 292 -0.41 11.77 14.95
N ASN B 293 0.60 11.51 15.79
CA ASN B 293 1.22 12.56 16.59
C ASN B 293 2.43 13.02 15.88
N ILE B 294 2.38 14.26 15.39
CA ILE B 294 3.53 14.85 14.69
C ILE B 294 4.14 15.93 15.54
N THR B 295 5.45 15.83 15.76
CA THR B 295 6.20 16.88 16.43
C THR B 295 6.63 17.92 15.44
N VAL B 296 6.29 19.14 15.76
CA VAL B 296 6.51 20.27 14.88
C VAL B 296 7.57 21.13 15.58
N THR B 297 8.71 21.31 14.92
CA THR B 297 9.82 22.15 15.41
C THR B 297 9.97 23.43 14.58
N ALA B 298 10.66 24.43 15.15
CA ALA B 298 10.92 25.73 14.51
C ALA B 298 12.02 26.49 15.25
N SER B 299 12.96 27.05 14.49
CA SER B 299 13.98 27.93 15.04
C SER B 299 13.75 29.33 14.51
N VAL B 300 13.61 30.26 15.44
CA VAL B 300 13.39 31.65 15.08
C VAL B 300 14.68 32.46 15.32
N ASP B 301 14.88 33.39 14.40
CA ASP B 301 16.18 33.96 14.07
C ASP B 301 15.99 35.44 13.58
N PRO B 302 15.20 36.27 14.28
CA PRO B 302 14.99 37.65 13.84
C PRO B 302 16.13 38.54 14.34
N VAL B 303 16.26 39.74 13.75
CA VAL B 303 17.32 40.73 14.07
C VAL B 303 18.74 40.22 13.78
N ILE B 304 19.01 38.98 14.22
CA ILE B 304 20.20 38.17 13.85
C ILE B 304 20.33 37.95 12.30
N LEU B 305 19.16 37.93 11.61
CA LEU B 305 19.08 37.58 10.19
C LEU B 305 18.15 38.45 9.39
N GLU B 306 18.60 38.82 8.20
CA GLU B 306 18.01 39.90 7.41
C GLU B 306 17.70 39.42 5.98
N HIS B 307 16.49 39.74 5.51
CA HIS B 307 16.13 39.85 4.05
C HIS B 307 16.28 38.58 3.20
#